data_4OUS
#
_entry.id   4OUS
#
_cell.length_a   94.985
_cell.length_b   94.985
_cell.length_c   94.985
_cell.angle_alpha   90.00
_cell.angle_beta   90.00
_cell.angle_gamma   90.00
#
_symmetry.space_group_name_H-M   'I 2 3'
#
loop_
_entity.id
_entity.type
_entity.pdbx_description
1 polymer Caprin-2
2 non-polymer 'CALCIUM ION'
3 water water
#
_entity_poly.entity_id   1
_entity_poly.type   'polypeptide(L)'
_entity_poly.pdbx_seq_one_letter_code
;MTQLRVAFSAARTANFAPGTLDQPIAFDLLHTNLGDMFDTGSGRFTCPATGAYVFIFHILKLAISVPLYINLMRNEEVMV
SAYANDGAPDHETASNHAVLQLFQGDQVWLRLHRGAIYGSSWKYSTFSGFLLYQDLEHHHHHH
;
_entity_poly.pdbx_strand_id   A
#
loop_
_chem_comp.id
_chem_comp.type
_chem_comp.name
_chem_comp.formula
CA non-polymer 'CALCIUM ION' 'Ca 2'
#
# COMPACT_ATOMS: atom_id res chain seq x y z
N LEU A 4 3.01 -9.60 -21.07
CA LEU A 4 3.39 -8.40 -20.36
C LEU A 4 4.18 -8.72 -19.10
N ARG A 5 5.13 -7.85 -18.76
CA ARG A 5 5.81 -7.94 -17.47
C ARG A 5 5.38 -6.74 -16.64
N VAL A 6 4.68 -7.01 -15.54
CA VAL A 6 4.13 -5.94 -14.73
C VAL A 6 4.41 -6.25 -13.27
N ALA A 7 5.19 -5.38 -12.61
CA ALA A 7 5.51 -5.57 -11.21
C ALA A 7 6.02 -4.26 -10.64
N PHE A 8 5.62 -3.96 -9.41
CA PHE A 8 6.16 -2.80 -8.72
C PHE A 8 6.49 -3.16 -7.29
N SER A 9 7.42 -2.41 -6.72
CA SER A 9 7.77 -2.60 -5.33
C SER A 9 8.16 -1.23 -4.79
N ALA A 10 7.31 -0.70 -3.91
CA ALA A 10 7.42 0.67 -3.44
C ALA A 10 7.66 0.73 -1.95
N ALA A 11 8.21 1.86 -1.50
CA ALA A 11 8.44 2.08 -0.09
C ALA A 11 8.21 3.55 0.24
N ARG A 12 7.88 3.81 1.50
CA ARG A 12 7.72 5.18 1.94
C ARG A 12 8.86 5.55 2.87
N THR A 13 9.55 6.63 2.53
CA THR A 13 10.77 7.00 3.26
C THR A 13 10.60 8.23 4.14
N ALA A 14 9.38 8.74 4.20
CA ALA A 14 9.03 9.81 5.14
C ALA A 14 7.71 9.44 5.81
N ASN A 15 7.48 9.95 7.02
CA ASN A 15 6.24 9.65 7.72
C ASN A 15 5.01 10.12 6.95
N PHE A 16 3.88 9.48 7.22
CA PHE A 16 2.59 9.96 6.74
C PHE A 16 1.64 10.09 7.92
N ALA A 17 1.30 11.32 8.26
CA ALA A 17 0.41 11.62 9.37
C ALA A 17 -0.48 12.77 8.97
N PRO A 18 -1.47 12.50 8.09
CA PRO A 18 -2.18 13.59 7.40
C PRO A 18 -3.08 14.47 8.25
N GLY A 19 -3.69 13.93 9.31
CA GLY A 19 -4.58 14.74 10.12
C GLY A 19 -6.05 14.66 9.71
N THR A 20 -6.30 13.85 8.68
N THR A 20 -6.31 13.90 8.65
CA THR A 20 -7.65 13.53 8.22
CA THR A 20 -7.67 13.51 8.31
C THR A 20 -7.72 12.03 7.96
C THR A 20 -7.69 12.02 8.06
N LEU A 21 -8.80 11.39 8.37
CA LEU A 21 -8.95 9.94 8.19
C LEU A 21 -9.16 9.59 6.73
N ASP A 22 -8.92 8.32 6.40
CA ASP A 22 -9.25 7.77 5.09
C ASP A 22 -8.57 8.49 3.92
N GLN A 23 -7.25 8.50 3.97
CA GLN A 23 -6.43 9.12 2.92
C GLN A 23 -5.63 8.09 2.14
N PRO A 24 -5.49 8.28 0.83
CA PRO A 24 -4.60 7.40 0.08
CA PRO A 24 -4.59 7.42 0.06
C PRO A 24 -3.14 7.57 0.52
N ILE A 25 -2.38 6.48 0.44
CA ILE A 25 -0.99 6.50 0.86
C ILE A 25 -0.06 6.55 -0.34
N ALA A 26 0.64 7.67 -0.52
CA ALA A 26 1.66 7.79 -1.54
C ALA A 26 2.91 7.01 -1.13
N PHE A 27 3.64 6.48 -2.10
CA PHE A 27 4.92 5.81 -1.84
C PHE A 27 5.98 6.44 -2.74
N ASP A 28 6.95 7.11 -2.14
CA ASP A 28 7.90 7.92 -2.90
C ASP A 28 9.00 7.13 -3.59
N LEU A 29 9.34 5.96 -3.06
CA LEU A 29 10.49 5.22 -3.54
C LEU A 29 10.05 3.95 -4.24
N LEU A 30 10.71 3.63 -5.35
CA LEU A 30 10.46 2.39 -6.08
C LEU A 30 11.74 1.60 -6.29
N HIS A 31 11.69 0.31 -6.00
CA HIS A 31 12.76 -0.59 -6.40
C HIS A 31 12.53 -1.11 -7.80
N THR A 32 11.27 -1.18 -8.20
N THR A 32 11.27 -1.31 -8.18
CA THR A 32 10.87 -1.77 -9.47
CA THR A 32 10.90 -1.78 -9.52
C THR A 32 9.54 -1.18 -9.92
C THR A 32 9.57 -1.17 -9.93
N ASN A 33 9.39 -0.97 -11.22
CA ASN A 33 8.12 -0.51 -11.77
C ASN A 33 7.99 -0.99 -13.22
N LEU A 34 8.16 -2.30 -13.39
CA LEU A 34 8.00 -2.94 -14.70
C LEU A 34 6.58 -2.70 -15.20
N GLY A 35 6.47 -2.13 -16.39
CA GLY A 35 5.18 -1.78 -16.95
C GLY A 35 4.75 -0.35 -16.68
N ASP A 36 5.47 0.34 -15.81
CA ASP A 36 5.23 1.76 -15.52
C ASP A 36 3.84 2.04 -14.97
N MET A 37 3.26 1.09 -14.26
CA MET A 37 1.86 1.22 -13.86
C MET A 37 1.63 1.69 -12.42
N PHE A 38 2.70 1.79 -11.62
CA PHE A 38 2.56 2.39 -10.29
C PHE A 38 2.85 3.88 -10.36
N ASP A 39 1.99 4.67 -9.73
CA ASP A 39 2.16 6.12 -9.64
C ASP A 39 2.52 6.52 -8.21
N THR A 40 3.72 7.04 -8.01
CA THR A 40 4.20 7.32 -6.66
C THR A 40 3.38 8.38 -5.91
N GLY A 41 2.96 9.42 -6.63
CA GLY A 41 2.26 10.54 -6.01
C GLY A 41 0.88 10.19 -5.48
N SER A 42 0.17 9.33 -6.19
CA SER A 42 -1.18 8.94 -5.80
C SER A 42 -1.17 7.64 -5.02
N GLY A 43 -0.09 6.88 -5.14
CA GLY A 43 0.00 5.57 -4.51
C GLY A 43 -0.81 4.52 -5.24
N ARG A 44 -1.28 4.81 -6.45
CA ARG A 44 -2.14 3.89 -7.18
C ARG A 44 -1.41 3.08 -8.24
N PHE A 45 -1.70 1.79 -8.23
CA PHE A 45 -1.38 0.89 -9.34
C PHE A 45 -2.56 0.85 -10.31
N THR A 46 -2.30 1.07 -11.59
CA THR A 46 -3.35 0.95 -12.59
C THR A 46 -3.15 -0.34 -13.38
N CYS A 47 -4.20 -1.14 -13.47
CA CYS A 47 -4.15 -2.39 -14.21
C CYS A 47 -4.01 -2.13 -15.70
N PRO A 48 -2.94 -2.64 -16.34
CA PRO A 48 -2.75 -2.43 -17.77
C PRO A 48 -3.38 -3.51 -18.64
N ALA A 49 -3.79 -4.60 -18.02
CA ALA A 49 -4.30 -5.76 -18.76
C ALA A 49 -5.09 -6.63 -17.81
N THR A 50 -6.30 -6.98 -18.22
CA THR A 50 -7.15 -7.83 -17.41
C THR A 50 -6.39 -9.10 -17.04
N GLY A 51 -6.48 -9.50 -15.78
CA GLY A 51 -5.77 -10.66 -15.30
C GLY A 51 -5.76 -10.76 -13.80
N ALA A 52 -5.05 -11.76 -13.29
CA ALA A 52 -4.91 -11.97 -11.85
C ALA A 52 -3.59 -11.37 -11.39
N TYR A 53 -3.67 -10.60 -10.30
CA TYR A 53 -2.54 -9.86 -9.76
C TYR A 53 -2.38 -10.16 -8.26
N VAL A 54 -1.14 -10.22 -7.80
CA VAL A 54 -0.82 -10.44 -6.40
C VAL A 54 -0.35 -9.13 -5.78
N PHE A 55 -0.87 -8.80 -4.60
CA PHE A 55 -0.45 -7.62 -3.85
C PHE A 55 -0.01 -8.01 -2.45
N ILE A 56 1.00 -7.32 -1.93
CA ILE A 56 1.49 -7.53 -0.57
C ILE A 56 1.82 -6.16 0.02
N PHE A 57 1.55 -5.94 1.30
CA PHE A 57 1.98 -4.70 1.94
C PHE A 57 2.36 -4.94 3.39
N HIS A 58 3.27 -4.10 3.88
CA HIS A 58 3.75 -4.10 5.25
C HIS A 58 3.89 -2.66 5.67
N ILE A 59 3.12 -2.20 6.65
CA ILE A 59 3.13 -0.78 7.02
C ILE A 59 3.46 -0.64 8.50
N LEU A 60 4.55 0.07 8.81
CA LEU A 60 4.95 0.28 10.19
C LEU A 60 4.30 1.55 10.73
N LYS A 61 3.65 1.46 11.89
CA LYS A 61 2.99 2.64 12.47
C LYS A 61 3.96 3.48 13.28
N LEU A 62 3.63 4.76 13.42
CA LEU A 62 4.30 5.61 14.39
C LEU A 62 4.00 5.11 15.80
N ALA A 63 4.94 5.34 16.69
CA ALA A 63 4.81 4.96 18.09
C ALA A 63 3.99 6.00 18.83
N ILE A 64 2.71 6.03 18.50
CA ILE A 64 1.73 6.90 19.13
C ILE A 64 0.53 6.07 19.54
N SER A 65 -0.28 6.62 20.44
CA SER A 65 -1.46 5.93 20.97
C SER A 65 -2.67 6.11 20.07
N VAL A 66 -2.49 5.87 18.78
CA VAL A 66 -3.55 5.79 17.80
C VAL A 66 -3.30 4.51 17.03
N PRO A 67 -4.32 3.64 16.92
CA PRO A 67 -4.11 2.39 16.17
C PRO A 67 -3.97 2.65 14.68
N LEU A 68 -3.30 1.72 14.01
CA LEU A 68 -3.12 1.77 12.57
C LEU A 68 -4.11 0.83 11.88
N TYR A 69 -4.90 1.39 10.97
CA TYR A 69 -5.83 0.63 10.13
C TYR A 69 -5.49 0.93 8.67
N ILE A 70 -5.21 -0.11 7.90
CA ILE A 70 -4.90 0.00 6.48
C ILE A 70 -5.92 -0.80 5.69
N ASN A 71 -6.40 -0.24 4.58
CA ASN A 71 -7.22 -1.01 3.63
C ASN A 71 -6.51 -1.12 2.29
N LEU A 72 -6.49 -2.33 1.72
CA LEU A 72 -6.16 -2.50 0.32
C LEU A 72 -7.43 -2.29 -0.49
N MET A 73 -7.42 -1.25 -1.32
CA MET A 73 -8.56 -0.83 -2.11
C MET A 73 -8.44 -1.28 -3.55
N ARG A 74 -9.57 -1.67 -4.14
CA ARG A 74 -9.64 -1.80 -5.59
C ARG A 74 -10.77 -0.86 -6.02
N ASN A 75 -10.39 0.15 -6.79
CA ASN A 75 -11.28 1.28 -7.09
C ASN A 75 -11.78 1.85 -5.75
N GLU A 76 -13.07 1.79 -5.45
CA GLU A 76 -13.58 2.38 -4.20
C GLU A 76 -13.95 1.32 -3.15
N GLU A 77 -13.53 0.08 -3.36
CA GLU A 77 -13.94 -1.03 -2.50
C GLU A 77 -12.78 -1.57 -1.64
N VAL A 78 -13.07 -1.80 -0.36
CA VAL A 78 -12.12 -2.47 0.53
C VAL A 78 -12.03 -3.94 0.17
N MET A 79 -10.82 -4.40 -0.15
CA MET A 79 -10.62 -5.80 -0.51
C MET A 79 -10.09 -6.63 0.66
N VAL A 80 -9.02 -6.16 1.31
CA VAL A 80 -8.56 -6.75 2.57
C VAL A 80 -8.08 -5.60 3.45
N SER A 81 -7.95 -5.87 4.75
CA SER A 81 -7.52 -4.84 5.69
C SER A 81 -6.47 -5.36 6.66
N ALA A 82 -5.82 -4.43 7.33
CA ALA A 82 -4.83 -4.78 8.35
C ALA A 82 -4.92 -3.82 9.51
N TYR A 83 -4.57 -4.33 10.69
CA TYR A 83 -4.62 -3.58 11.93
C TYR A 83 -3.31 -3.75 12.67
N ALA A 84 -2.83 -2.70 13.31
CA ALA A 84 -1.71 -2.87 14.23
C ALA A 84 -1.78 -1.84 15.33
N ASN A 85 -1.49 -2.27 16.55
CA ASN A 85 -1.46 -1.36 17.66
C ASN A 85 -0.66 -1.95 18.79
N ASP A 86 0.01 -1.08 19.54
CA ASP A 86 0.74 -1.49 20.74
C ASP A 86 0.60 -0.38 21.77
N GLY A 87 0.30 -0.76 23.01
CA GLY A 87 -0.05 0.19 24.04
C GLY A 87 1.08 0.93 24.73
N ALA A 88 2.33 0.58 24.44
CA ALA A 88 3.46 1.19 25.12
C ALA A 88 3.50 2.74 25.03
N PRO A 89 3.31 3.34 23.84
CA PRO A 89 3.11 2.80 22.50
C PRO A 89 4.44 2.56 21.80
N ASP A 90 4.49 1.45 21.07
CA ASP A 90 5.67 1.08 20.31
C ASP A 90 5.29 1.02 18.83
N HIS A 91 6.27 0.88 17.96
CA HIS A 91 5.97 0.59 16.57
C HIS A 91 5.36 -0.80 16.46
N GLU A 92 4.56 -0.97 15.42
CA GLU A 92 3.86 -2.21 15.14
C GLU A 92 3.57 -2.21 13.65
N THR A 93 3.31 -3.38 13.08
CA THR A 93 3.22 -3.53 11.63
C THR A 93 1.86 -4.05 11.22
N ALA A 94 1.22 -3.34 10.30
CA ALA A 94 -0.04 -3.75 9.69
C ALA A 94 0.27 -4.31 8.31
N SER A 95 -0.06 -5.59 8.07
CA SER A 95 0.29 -6.25 6.84
CA SER A 95 0.27 -6.24 6.82
C SER A 95 -0.85 -7.12 6.34
N ASN A 96 -0.93 -7.29 5.03
CA ASN A 96 -1.82 -8.27 4.43
C ASN A 96 -1.40 -8.49 2.98
N HIS A 97 -2.20 -9.25 2.26
CA HIS A 97 -1.91 -9.63 0.90
C HIS A 97 -3.25 -9.93 0.21
N ALA A 98 -3.24 -10.04 -1.10
CA ALA A 98 -4.42 -10.50 -1.82
C ALA A 98 -4.03 -10.98 -3.21
N VAL A 99 -4.81 -11.90 -3.75
CA VAL A 99 -4.75 -12.21 -5.18
C VAL A 99 -6.08 -11.77 -5.77
N LEU A 100 -6.03 -10.81 -6.68
CA LEU A 100 -7.23 -10.18 -7.20
C LEU A 100 -7.35 -10.32 -8.70
N GLN A 101 -8.59 -10.54 -9.15
CA GLN A 101 -8.93 -10.47 -10.56
C GLN A 101 -9.18 -9.01 -10.91
N LEU A 102 -8.34 -8.44 -11.76
CA LEU A 102 -8.49 -7.04 -12.16
C LEU A 102 -8.89 -6.93 -13.62
N PHE A 103 -9.56 -5.83 -13.93
CA PHE A 103 -9.85 -5.47 -15.31
C PHE A 103 -9.00 -4.27 -15.69
N GLN A 104 -8.65 -4.18 -16.96
CA GLN A 104 -7.84 -3.06 -17.43
C GLN A 104 -8.47 -1.75 -16.96
N GLY A 105 -7.65 -0.90 -16.36
CA GLY A 105 -8.12 0.39 -15.87
C GLY A 105 -8.44 0.41 -14.38
N ASP A 106 -8.67 -0.76 -13.78
CA ASP A 106 -8.86 -0.83 -12.34
C ASP A 106 -7.65 -0.25 -11.61
N GLN A 107 -7.89 0.35 -10.45
CA GLN A 107 -6.80 0.89 -9.66
C GLN A 107 -6.75 0.24 -8.28
N VAL A 108 -5.54 -0.10 -7.85
CA VAL A 108 -5.35 -0.74 -6.56
C VAL A 108 -4.41 0.16 -5.75
N TRP A 109 -4.75 0.39 -4.49
CA TRP A 109 -4.05 1.38 -3.69
C TRP A 109 -4.29 1.09 -2.21
N LEU A 110 -3.46 1.67 -1.35
CA LEU A 110 -3.62 1.52 0.08
C LEU A 110 -4.21 2.78 0.69
N ARG A 111 -5.19 2.59 1.55
CA ARG A 111 -5.84 3.66 2.29
C ARG A 111 -5.41 3.62 3.75
N LEU A 112 -4.99 4.78 4.25
CA LEU A 112 -4.76 4.98 5.67
C LEU A 112 -6.09 5.34 6.30
N HIS A 113 -6.76 4.35 6.89
CA HIS A 113 -8.05 4.59 7.49
C HIS A 113 -7.88 5.43 8.76
N ARG A 114 -7.05 4.94 9.68
CA ARG A 114 -6.69 5.65 10.90
C ARG A 114 -5.24 5.36 11.22
N GLY A 115 -4.62 6.25 12.00
CA GLY A 115 -3.25 6.06 12.43
C GLY A 115 -2.28 6.88 11.62
N ALA A 116 -1.00 6.59 11.80
CA ALA A 116 0.08 7.31 11.14
C ALA A 116 1.20 6.34 10.82
N ILE A 117 1.90 6.60 9.72
CA ILE A 117 2.87 5.68 9.15
C ILE A 117 4.31 6.16 9.31
N TYR A 118 5.19 5.24 9.70
CA TYR A 118 6.61 5.50 9.80
C TYR A 118 7.31 5.35 8.46
N GLY A 119 8.03 6.40 8.06
CA GLY A 119 8.86 6.35 6.87
C GLY A 119 10.29 6.72 7.19
N SER A 120 11.23 5.93 6.67
CA SER A 120 12.64 6.27 6.77
C SER A 120 13.40 5.63 5.62
N SER A 121 14.68 5.95 5.52
CA SER A 121 15.54 5.39 4.49
C SER A 121 15.74 3.89 4.64
N TRP A 122 15.36 3.29 5.76
CA TRP A 122 15.48 1.82 5.87
C TRP A 122 14.25 1.09 5.34
N LYS A 123 13.24 1.84 4.88
N LYS A 123 13.24 1.83 4.90
CA LYS A 123 12.15 1.27 4.08
CA LYS A 123 12.16 1.28 4.08
C LYS A 123 11.42 0.13 4.80
C LYS A 123 11.41 0.14 4.79
N TYR A 124 10.80 0.48 5.92
CA TYR A 124 9.94 -0.44 6.67
C TYR A 124 8.56 -0.60 6.05
N SER A 125 8.05 0.48 5.46
CA SER A 125 6.67 0.55 5.01
C SER A 125 6.63 0.44 3.50
N THR A 126 6.05 -0.66 3.03
CA THR A 126 6.19 -1.13 1.65
C THR A 126 4.87 -1.60 1.05
N PHE A 127 4.82 -1.60 -0.27
CA PHE A 127 3.64 -2.00 -1.04
C PHE A 127 4.14 -2.51 -2.37
N SER A 128 3.79 -3.73 -2.74
CA SER A 128 4.20 -4.31 -4.01
C SER A 128 3.07 -5.06 -4.67
N GLY A 129 3.23 -5.30 -5.96
CA GLY A 129 2.26 -6.07 -6.71
C GLY A 129 2.88 -6.61 -7.98
N PHE A 130 2.31 -7.70 -8.49
CA PHE A 130 2.77 -8.22 -9.76
C PHE A 130 1.68 -8.99 -10.47
N LEU A 131 1.80 -9.03 -11.80
CA LEU A 131 0.94 -9.81 -12.66
C LEU A 131 1.23 -11.28 -12.49
N LEU A 132 0.20 -12.06 -12.19
CA LEU A 132 0.31 -13.51 -12.08
C LEU A 132 -0.15 -14.20 -13.37
N TYR A 133 -1.38 -13.90 -13.79
CA TYR A 133 -1.94 -14.45 -15.02
C TYR A 133 -2.56 -13.38 -15.88
N GLN A 134 -2.07 -13.24 -17.11
CA GLN A 134 -2.67 -12.29 -18.04
C GLN A 134 -3.82 -12.94 -18.79
N ASP A 135 -4.91 -12.23 -18.98
CA ASP A 135 -6.05 -12.76 -19.70
C ASP A 135 -5.72 -12.92 -21.18
CA CA B . 2.75 -7.58 15.59
#